data_1T57
#
_entry.id   1T57
#
_cell.length_a   103.983
_cell.length_b   69.398
_cell.length_c   90.953
_cell.angle_alpha   90.00
_cell.angle_beta   90.00
_cell.angle_gamma   90.00
#
_symmetry.space_group_name_H-M   'P 21 21 2'
#
loop_
_entity.id
_entity.type
_entity.pdbx_description
1 polymer 'Conserved Protein MTH1675'
2 non-polymer 'MAGNESIUM ION'
3 non-polymer 'FLAVIN MONONUCLEOTIDE'
4 water water
#
_entity_poly.entity_id   1
_entity_poly.type   'polypeptide(L)'
_entity_poly.pdbx_seq_one_letter_code
;(MSE)GSSHHHHHHSSGLVPRGSH(MSE)EKKICYFEEPGKENTERVLELVGERADQLGIRNFVVASVSGETALRLSE
(MSE)VEGNIVSVTHHAGFREKGQLELEDEARDALLERGVNVYAGSHALSGVGRGISNRFGGVTPVEI(MSE)AETLR
(MSE)VSQGFKVCVEIAI(MSE)AADAGLIPVDEEVIAIGGTAWGADTALVLTPAH(MSE)NSVFDLRIHEVIA(MSE)P
RP
;
_entity_poly.pdbx_strand_id   A,B,C
#
loop_
_chem_comp.id
_chem_comp.type
_chem_comp.name
_chem_comp.formula
FMN non-polymer 'FLAVIN MONONUCLEOTIDE' 'C17 H21 N4 O9 P'
MG non-polymer 'MAGNESIUM ION' 'Mg 2'
#
# COMPACT_ATOMS: atom_id res chain seq x y z
N MSE A 21 -26.30 -6.85 -3.84
CA MSE A 21 -26.38 -7.50 -5.19
C MSE A 21 -25.38 -8.64 -5.34
O MSE A 21 -24.29 -8.43 -5.86
CB MSE A 21 -26.10 -6.48 -6.29
CG MSE A 21 -27.33 -5.90 -6.97
SE MSE A 21 -26.80 -4.72 -8.41
CE MSE A 21 -26.14 -3.26 -7.35
N GLU A 22 -25.75 -9.84 -4.91
CA GLU A 22 -24.87 -11.00 -5.00
C GLU A 22 -24.88 -11.54 -6.41
N LYS A 23 -23.70 -11.69 -6.99
CA LYS A 23 -23.56 -12.20 -8.35
C LYS A 23 -22.39 -13.15 -8.37
N LYS A 24 -22.05 -13.64 -9.56
CA LYS A 24 -20.94 -14.56 -9.75
C LYS A 24 -19.70 -13.82 -10.20
N ILE A 25 -18.54 -14.43 -9.99
CA ILE A 25 -17.28 -13.87 -10.41
C ILE A 25 -16.40 -15.08 -10.60
N CYS A 26 -15.73 -15.14 -11.74
CA CYS A 26 -14.84 -16.27 -12.00
C CYS A 26 -13.39 -15.93 -11.68
N TYR A 27 -12.73 -16.80 -10.90
CA TYR A 27 -11.32 -16.64 -10.55
C TYR A 27 -10.53 -17.70 -11.31
N PHE A 28 -9.79 -17.31 -12.34
CA PHE A 28 -9.00 -18.28 -13.09
C PHE A 28 -7.77 -18.67 -12.28
N GLU A 29 -7.58 -19.98 -12.18
CA GLU A 29 -6.47 -20.56 -11.42
C GLU A 29 -5.15 -19.98 -11.88
N GLU A 30 -5.05 -19.75 -13.18
CA GLU A 30 -3.84 -19.17 -13.76
C GLU A 30 -4.24 -18.21 -14.89
N PRO A 31 -3.40 -17.19 -15.17
CA PRO A 31 -3.62 -16.20 -16.23
C PRO A 31 -3.27 -16.73 -17.64
N GLY A 32 -3.74 -16.09 -18.70
CA GLY A 32 -3.39 -16.58 -20.02
C GLY A 32 -4.48 -16.68 -21.06
N LYS A 33 -4.08 -16.94 -22.31
CA LYS A 33 -4.96 -17.06 -23.47
C LYS A 33 -6.06 -18.14 -23.32
N GLU A 34 -5.77 -19.18 -22.55
CA GLU A 34 -6.70 -20.28 -22.33
C GLU A 34 -8.06 -19.84 -21.81
N ASN A 35 -8.07 -18.86 -20.91
CA ASN A 35 -9.30 -18.35 -20.28
C ASN A 35 -10.22 -17.56 -21.22
N THR A 36 -9.69 -17.07 -22.33
CA THR A 36 -10.48 -16.25 -23.24
C THR A 36 -11.93 -16.63 -23.46
N GLU A 37 -12.15 -17.87 -23.85
CA GLU A 37 -13.50 -18.34 -24.14
C GLU A 37 -14.46 -18.11 -22.99
N ARG A 38 -14.00 -18.42 -21.78
CA ARG A 38 -14.84 -18.24 -20.61
C ARG A 38 -15.13 -16.75 -20.36
N VAL A 39 -14.12 -15.88 -20.48
CA VAL A 39 -14.40 -14.48 -20.26
C VAL A 39 -15.29 -13.90 -21.34
N LEU A 40 -15.15 -14.35 -22.59
CA LEU A 40 -16.03 -13.82 -23.62
C LEU A 40 -17.47 -14.24 -23.33
N GLU A 41 -17.63 -15.44 -22.77
CA GLU A 41 -18.97 -15.92 -22.45
C GLU A 41 -19.55 -15.15 -21.28
N LEU A 42 -18.72 -14.99 -20.25
CA LEU A 42 -19.16 -14.29 -19.07
C LEU A 42 -19.55 -12.86 -19.39
N VAL A 43 -18.82 -12.17 -20.26
CA VAL A 43 -19.20 -10.79 -20.57
C VAL A 43 -20.57 -10.75 -21.23
N GLY A 44 -20.80 -11.70 -22.14
CA GLY A 44 -22.07 -11.77 -22.85
C GLY A 44 -23.19 -11.71 -21.84
N GLU A 45 -23.17 -12.67 -20.92
CA GLU A 45 -24.20 -12.79 -19.89
C GLU A 45 -24.36 -11.52 -19.09
N ARG A 46 -23.26 -11.00 -18.54
CA ARG A 46 -23.32 -9.81 -17.73
C ARG A 46 -23.82 -8.62 -18.53
N ALA A 47 -23.50 -8.60 -19.82
CA ALA A 47 -23.97 -7.50 -20.64
C ALA A 47 -25.50 -7.56 -20.73
N ASP A 48 -26.06 -8.72 -21.06
CA ASP A 48 -27.52 -8.85 -21.13
C ASP A 48 -28.10 -8.42 -19.79
N GLN A 49 -27.55 -9.00 -18.72
CA GLN A 49 -28.02 -8.71 -17.37
C GLN A 49 -28.11 -7.22 -17.08
N LEU A 50 -27.09 -6.46 -17.46
CA LEU A 50 -27.10 -5.04 -17.16
C LEU A 50 -27.54 -4.14 -18.30
N GLY A 51 -27.67 -4.67 -19.50
CA GLY A 51 -28.06 -3.81 -20.61
C GLY A 51 -26.92 -2.86 -20.99
N ILE A 52 -25.76 -3.44 -21.27
CA ILE A 52 -24.59 -2.68 -21.65
C ILE A 52 -24.33 -2.97 -23.12
N ARG A 53 -24.04 -1.92 -23.89
CA ARG A 53 -23.78 -2.09 -25.31
C ARG A 53 -22.46 -1.49 -25.77
N ASN A 54 -21.61 -1.12 -24.80
CA ASN A 54 -20.28 -0.56 -25.09
C ASN A 54 -19.15 -1.47 -24.59
N PHE A 55 -18.29 -1.91 -25.51
CA PHE A 55 -17.19 -2.80 -25.13
C PHE A 55 -15.86 -2.33 -25.64
N VAL A 56 -14.89 -2.20 -24.75
CA VAL A 56 -13.56 -1.82 -25.20
C VAL A 56 -12.68 -3.02 -24.95
N VAL A 57 -11.95 -3.48 -25.96
CA VAL A 57 -11.13 -4.68 -25.81
C VAL A 57 -9.73 -4.57 -26.36
N ALA A 58 -8.77 -5.03 -25.57
CA ALA A 58 -7.38 -5.03 -25.98
C ALA A 58 -7.13 -6.24 -26.86
N SER A 59 -6.83 -5.99 -28.12
CA SER A 59 -6.54 -7.06 -29.07
C SER A 59 -5.42 -6.58 -29.97
N VAL A 60 -4.22 -7.05 -29.67
CA VAL A 60 -3.04 -6.68 -30.42
C VAL A 60 -3.15 -7.17 -31.86
N SER A 61 -3.39 -8.47 -32.02
CA SER A 61 -3.53 -9.09 -33.33
C SER A 61 -4.95 -8.88 -33.88
N GLY A 62 -5.92 -8.84 -32.98
CA GLY A 62 -7.31 -8.66 -33.40
C GLY A 62 -8.11 -9.93 -33.18
N GLU A 63 -7.43 -11.05 -32.98
CA GLU A 63 -8.14 -12.30 -32.79
C GLU A 63 -9.24 -12.12 -31.74
N THR A 64 -8.85 -11.83 -30.50
CA THR A 64 -9.79 -11.62 -29.39
C THR A 64 -10.95 -10.72 -29.76
N ALA A 65 -10.66 -9.64 -30.47
CA ALA A 65 -11.69 -8.72 -30.91
C ALA A 65 -12.69 -9.49 -31.77
N LEU A 66 -12.16 -10.25 -32.74
CA LEU A 66 -12.99 -11.06 -33.65
C LEU A 66 -13.99 -11.91 -32.90
N ARG A 67 -13.48 -12.77 -32.02
CA ARG A 67 -14.34 -13.63 -31.24
C ARG A 67 -15.46 -12.85 -30.55
N LEU A 68 -15.07 -11.90 -29.72
CA LEU A 68 -16.03 -11.10 -28.99
C LEU A 68 -17.18 -10.56 -29.84
N SER A 69 -16.85 -10.01 -31.01
CA SER A 69 -17.86 -9.44 -31.89
C SER A 69 -19.00 -10.40 -32.25
N GLU A 70 -18.71 -11.70 -32.20
CA GLU A 70 -19.68 -12.76 -32.53
C GLU A 70 -20.61 -13.16 -31.42
N MSE A 71 -20.36 -12.68 -30.21
CA MSE A 71 -21.19 -13.04 -29.06
C MSE A 71 -21.86 -11.83 -28.43
O MSE A 71 -22.76 -11.98 -27.61
CB MSE A 71 -20.35 -13.73 -27.99
CG MSE A 71 -20.16 -15.20 -28.23
SE MSE A 71 -18.41 -15.71 -27.67
CE MSE A 71 -18.77 -15.82 -25.79
N VAL A 72 -21.42 -10.66 -28.81
CA VAL A 72 -21.98 -9.46 -28.23
C VAL A 72 -22.33 -8.49 -29.34
N GLU A 73 -23.31 -7.64 -29.09
CA GLU A 73 -23.72 -6.67 -30.08
C GLU A 73 -23.68 -5.26 -29.50
N GLY A 74 -23.48 -4.26 -30.36
CA GLY A 74 -23.41 -2.89 -29.92
C GLY A 74 -22.10 -2.27 -30.37
N ASN A 75 -21.61 -1.26 -29.65
CA ASN A 75 -20.38 -0.64 -30.05
C ASN A 75 -19.18 -1.36 -29.46
N ILE A 76 -18.38 -1.96 -30.33
CA ILE A 76 -17.18 -2.66 -29.91
C ILE A 76 -15.98 -1.88 -30.42
N VAL A 77 -15.03 -1.63 -29.53
CA VAL A 77 -13.84 -0.91 -29.90
C VAL A 77 -12.68 -1.79 -29.50
N SER A 78 -11.82 -2.07 -30.48
CA SER A 78 -10.65 -2.89 -30.31
C SER A 78 -9.44 -1.98 -30.38
N VAL A 79 -8.63 -1.98 -29.32
CA VAL A 79 -7.42 -1.18 -29.35
C VAL A 79 -6.25 -2.16 -29.42
N THR A 80 -5.34 -1.89 -30.33
CA THR A 80 -4.15 -2.72 -30.47
C THR A 80 -2.98 -1.97 -29.83
N HIS A 81 -1.78 -2.53 -29.94
CA HIS A 81 -0.58 -1.89 -29.40
C HIS A 81 -0.23 -0.67 -30.24
N HIS A 82 0.51 0.27 -29.65
CA HIS A 82 0.89 1.48 -30.37
C HIS A 82 2.01 1.08 -31.33
N ALA A 83 2.18 1.84 -32.39
CA ALA A 83 3.22 1.56 -33.37
C ALA A 83 4.54 1.80 -32.66
N GLY A 84 5.48 0.87 -32.82
CA GLY A 84 6.76 1.05 -32.17
C GLY A 84 6.85 0.28 -30.87
N PHE A 85 5.77 -0.39 -30.47
CA PHE A 85 5.78 -1.16 -29.24
C PHE A 85 6.85 -2.26 -29.30
N ARG A 86 7.00 -2.87 -30.46
CA ARG A 86 8.00 -3.93 -30.62
C ARG A 86 9.15 -3.49 -31.52
N GLU A 87 8.84 -2.91 -32.68
CA GLU A 87 9.88 -2.45 -33.59
C GLU A 87 9.60 -1.02 -34.11
N LYS A 88 10.63 -0.19 -34.14
CA LYS A 88 10.50 1.19 -34.61
C LYS A 88 9.69 1.33 -35.90
N GLY A 89 8.73 2.25 -35.88
CA GLY A 89 7.89 2.48 -37.06
C GLY A 89 6.96 1.34 -37.45
N GLN A 90 6.81 0.34 -36.59
CA GLN A 90 5.94 -0.78 -36.93
C GLN A 90 4.70 -0.98 -36.07
N LEU A 91 3.61 -1.32 -36.75
CA LEU A 91 2.31 -1.59 -36.14
C LEU A 91 2.10 -3.13 -36.14
N GLU A 92 1.83 -3.72 -34.98
CA GLU A 92 1.63 -5.18 -34.89
C GLU A 92 0.35 -5.63 -35.58
N LEU A 93 -0.66 -4.78 -35.54
CA LEU A 93 -1.92 -5.11 -36.15
C LEU A 93 -1.76 -5.18 -37.67
N GLU A 94 -2.05 -6.35 -38.24
CA GLU A 94 -1.96 -6.56 -39.68
C GLU A 94 -3.07 -5.80 -40.36
N ASP A 95 -2.80 -5.31 -41.56
CA ASP A 95 -3.77 -4.56 -42.34
C ASP A 95 -4.98 -5.43 -42.59
N GLU A 96 -4.72 -6.71 -42.87
CA GLU A 96 -5.77 -7.70 -43.12
C GLU A 96 -6.71 -7.86 -41.95
N ALA A 97 -6.15 -8.09 -40.76
CA ALA A 97 -6.95 -8.25 -39.56
C ALA A 97 -7.81 -7.00 -39.25
N ARG A 98 -7.23 -5.81 -39.46
CA ARG A 98 -7.94 -4.57 -39.22
C ARG A 98 -9.12 -4.55 -40.16
N ASP A 99 -8.81 -4.73 -41.44
CA ASP A 99 -9.84 -4.76 -42.46
C ASP A 99 -10.96 -5.71 -42.02
N ALA A 100 -10.61 -6.95 -41.72
CA ALA A 100 -11.62 -7.94 -41.28
C ALA A 100 -12.54 -7.39 -40.21
N LEU A 101 -11.96 -6.81 -39.15
CA LEU A 101 -12.71 -6.24 -38.03
C LEU A 101 -13.62 -5.09 -38.45
N LEU A 102 -13.04 -4.10 -39.13
CA LEU A 102 -13.80 -2.94 -39.60
C LEU A 102 -14.95 -3.35 -40.49
N GLU A 103 -14.77 -4.48 -41.16
CA GLU A 103 -15.77 -5.06 -42.05
C GLU A 103 -16.96 -5.50 -41.20
N ARG A 104 -16.66 -5.94 -39.98
CA ARG A 104 -17.66 -6.40 -39.02
C ARG A 104 -18.29 -5.23 -38.26
N GLY A 105 -17.71 -4.04 -38.38
CA GLY A 105 -18.26 -2.89 -37.67
C GLY A 105 -17.57 -2.54 -36.37
N VAL A 106 -16.45 -3.19 -36.09
CA VAL A 106 -15.71 -2.93 -34.87
C VAL A 106 -14.73 -1.78 -35.02
N ASN A 107 -14.97 -0.67 -34.32
CA ASN A 107 -14.04 0.47 -34.38
C ASN A 107 -12.66 0.01 -33.89
N VAL A 108 -11.67 0.16 -34.74
CA VAL A 108 -10.30 -0.22 -34.42
C VAL A 108 -9.45 1.03 -34.19
N TYR A 109 -8.71 1.04 -33.07
CA TYR A 109 -7.87 2.18 -32.73
C TYR A 109 -6.46 1.84 -32.25
N ALA A 110 -5.51 2.75 -32.48
CA ALA A 110 -4.12 2.57 -32.03
C ALA A 110 -3.55 3.93 -31.61
N GLY A 111 -2.90 3.97 -30.46
CA GLY A 111 -2.32 5.22 -30.01
C GLY A 111 -1.40 4.96 -28.83
N SER A 112 -0.57 5.93 -28.48
CA SER A 112 0.33 5.74 -27.35
C SER A 112 -0.48 5.24 -26.14
N HIS A 113 0.03 4.23 -25.45
CA HIS A 113 -0.61 3.60 -24.27
C HIS A 113 -0.86 4.53 -23.09
N ALA A 114 -2.12 4.61 -22.67
CA ALA A 114 -2.53 5.52 -21.59
C ALA A 114 -1.85 5.44 -20.22
N LEU A 115 -1.44 4.26 -19.77
CA LEU A 115 -0.81 4.16 -18.46
C LEU A 115 0.70 4.04 -18.41
N SER A 116 1.36 4.54 -19.44
CA SER A 116 2.81 4.55 -19.56
C SER A 116 3.12 5.83 -20.36
N GLY A 117 2.66 5.92 -21.60
CA GLY A 117 2.89 7.13 -22.35
C GLY A 117 4.36 7.49 -22.59
N VAL A 118 4.58 8.77 -22.75
CA VAL A 118 5.88 9.34 -22.98
C VAL A 118 6.66 9.18 -21.66
N GLY A 119 5.94 8.92 -20.57
CA GLY A 119 6.64 8.69 -19.31
C GLY A 119 7.53 7.44 -19.45
N ARG A 120 7.16 6.54 -20.35
CA ARG A 120 7.98 5.36 -20.52
C ARG A 120 9.20 5.71 -21.38
N GLY A 121 9.03 6.65 -22.29
CA GLY A 121 10.15 7.05 -23.11
C GLY A 121 11.20 7.62 -22.17
N ILE A 122 10.73 8.39 -21.20
CA ILE A 122 11.62 9.00 -20.24
C ILE A 122 12.38 7.96 -19.46
N SER A 123 11.66 6.99 -18.88
CA SER A 123 12.29 5.94 -18.09
C SER A 123 13.24 5.09 -18.91
N ASN A 124 12.86 4.79 -20.15
CA ASN A 124 13.75 4.00 -20.99
C ASN A 124 15.07 4.76 -21.17
N ARG A 125 15.05 6.06 -20.94
CA ARG A 125 16.27 6.85 -21.09
C ARG A 125 16.98 7.06 -19.77
N PHE A 126 16.22 7.24 -18.67
CA PHE A 126 16.84 7.50 -17.36
C PHE A 126 16.63 6.53 -16.22
N GLY A 127 15.82 5.49 -16.44
CA GLY A 127 15.64 4.50 -15.39
C GLY A 127 14.59 4.45 -14.28
N GLY A 128 14.31 5.53 -13.56
CA GLY A 128 13.32 5.43 -12.48
C GLY A 128 11.91 5.13 -12.97
N VAL A 129 10.93 5.87 -12.44
CA VAL A 129 9.55 5.72 -12.86
C VAL A 129 8.85 7.05 -12.79
N THR A 130 7.92 7.28 -13.73
CA THR A 130 7.17 8.51 -13.74
C THR A 130 5.86 8.21 -13.00
N PRO A 131 5.14 9.24 -12.53
CA PRO A 131 3.89 9.00 -11.80
C PRO A 131 2.86 8.08 -12.45
N VAL A 132 2.59 8.28 -13.73
CA VAL A 132 1.61 7.47 -14.44
C VAL A 132 1.97 5.99 -14.47
N GLU A 133 3.25 5.66 -14.60
CA GLU A 133 3.69 4.23 -14.62
C GLU A 133 3.44 3.51 -13.29
N ILE A 134 3.38 4.27 -12.19
CA ILE A 134 3.12 3.71 -10.87
C ILE A 134 1.65 3.29 -10.80
N MSE A 135 0.77 4.07 -11.40
CA MSE A 135 -0.65 3.74 -11.43
C MSE A 135 -0.82 2.34 -12.03
O MSE A 135 -1.60 1.53 -11.54
CB MSE A 135 -1.40 4.73 -12.28
CG MSE A 135 -1.63 6.09 -11.64
SE MSE A 135 -2.51 7.32 -12.85
CE MSE A 135 -4.32 6.65 -12.71
N ALA A 136 -0.04 2.06 -13.07
CA ALA A 136 -0.11 0.77 -13.72
C ALA A 136 0.42 -0.39 -12.88
N GLU A 137 1.58 -0.23 -12.24
CA GLU A 137 2.11 -1.30 -11.42
C GLU A 137 1.12 -1.56 -10.28
N THR A 138 0.48 -0.50 -9.81
CA THR A 138 -0.49 -0.61 -8.75
C THR A 138 -1.71 -1.43 -9.22
N LEU A 139 -2.20 -1.13 -10.42
CA LEU A 139 -3.33 -1.87 -10.95
C LEU A 139 -2.98 -3.34 -11.12
N ARG A 140 -1.73 -3.58 -11.48
CA ARG A 140 -1.21 -4.93 -11.67
C ARG A 140 -1.20 -5.86 -10.43
N MSE A 141 -1.33 -5.30 -9.22
CA MSE A 141 -1.35 -6.17 -8.06
C MSE A 141 -2.62 -7.07 -8.10
O MSE A 141 -2.76 -7.99 -7.29
CB MSE A 141 -1.36 -5.35 -6.76
CG MSE A 141 -0.36 -4.24 -6.70
SE MSE A 141 -0.69 -3.27 -5.07
CE MSE A 141 -2.26 -2.28 -5.58
N VAL A 142 -3.53 -6.79 -9.04
CA VAL A 142 -4.75 -7.61 -9.16
C VAL A 142 -4.51 -8.61 -10.30
N SER A 143 -4.04 -8.14 -11.43
CA SER A 143 -3.73 -9.01 -12.55
C SER A 143 -3.22 -8.05 -13.61
N GLN A 144 -2.72 -8.57 -14.73
CA GLN A 144 -2.23 -7.70 -15.81
C GLN A 144 -3.42 -7.10 -16.55
N GLY A 145 -4.39 -7.94 -16.89
CA GLY A 145 -5.58 -7.48 -17.58
C GLY A 145 -6.30 -6.40 -16.78
N PHE A 146 -6.28 -6.49 -15.45
CA PHE A 146 -6.96 -5.51 -14.65
C PHE A 146 -6.39 -4.15 -15.01
N LYS A 147 -5.10 -4.12 -15.29
CA LYS A 147 -4.46 -2.86 -15.63
C LYS A 147 -4.78 -2.46 -17.03
N VAL A 148 -4.89 -3.42 -17.97
CA VAL A 148 -5.18 -2.99 -19.34
C VAL A 148 -6.59 -2.51 -19.45
N CYS A 149 -7.44 -3.10 -18.62
CA CYS A 149 -8.84 -2.75 -18.59
C CYS A 149 -9.08 -1.27 -18.35
N VAL A 150 -8.47 -0.65 -17.33
CA VAL A 150 -8.71 0.78 -17.15
C VAL A 150 -7.94 1.52 -18.23
N GLU A 151 -6.73 1.06 -18.52
CA GLU A 151 -5.90 1.71 -19.52
C GLU A 151 -6.60 1.87 -20.88
N ILE A 152 -7.14 0.78 -21.40
CA ILE A 152 -7.81 0.89 -22.69
C ILE A 152 -9.09 1.70 -22.49
N ALA A 153 -9.64 1.72 -21.27
CA ALA A 153 -10.86 2.49 -21.06
C ALA A 153 -10.56 3.97 -21.27
N ILE A 154 -9.45 4.42 -20.71
CA ILE A 154 -8.98 5.79 -20.84
C ILE A 154 -8.68 6.13 -22.30
N MSE A 155 -7.90 5.30 -22.96
CA MSE A 155 -7.58 5.55 -24.36
C MSE A 155 -8.83 5.70 -25.24
O MSE A 155 -8.94 6.61 -26.04
CB MSE A 155 -6.73 4.40 -24.89
CG MSE A 155 -5.50 4.11 -24.02
SE MSE A 155 -4.46 2.56 -24.65
CE MSE A 155 -4.87 1.27 -23.35
N ALA A 156 -9.78 4.78 -25.08
CA ALA A 156 -10.99 4.80 -25.90
C ALA A 156 -11.81 6.05 -25.64
N ALA A 157 -11.86 6.50 -24.39
CA ALA A 157 -12.59 7.71 -24.05
C ALA A 157 -11.97 8.91 -24.75
N ASP A 158 -10.67 9.08 -24.56
CA ASP A 158 -9.95 10.19 -25.18
C ASP A 158 -10.08 10.15 -26.71
N ALA A 159 -10.20 8.97 -27.29
CA ALA A 159 -10.32 8.92 -28.75
C ALA A 159 -11.75 9.29 -29.13
N GLY A 160 -12.62 9.34 -28.13
CA GLY A 160 -14.00 9.66 -28.41
C GLY A 160 -14.66 8.41 -28.94
N LEU A 161 -14.04 7.27 -28.70
CA LEU A 161 -14.61 6.03 -29.19
C LEU A 161 -15.61 5.40 -28.24
N ILE A 162 -15.54 5.75 -26.96
CA ILE A 162 -16.55 5.27 -25.99
C ILE A 162 -16.90 6.43 -25.06
N PRO A 163 -18.04 6.34 -24.36
CA PRO A 163 -18.53 7.37 -23.43
C PRO A 163 -17.86 7.32 -22.06
N VAL A 164 -17.93 8.43 -21.33
CA VAL A 164 -17.38 8.51 -19.98
C VAL A 164 -18.60 8.87 -19.15
N ASP A 165 -19.73 8.69 -19.82
CA ASP A 165 -21.08 8.97 -19.34
C ASP A 165 -21.67 7.75 -18.64
N GLU A 166 -21.74 6.64 -19.36
CA GLU A 166 -22.33 5.42 -18.86
C GLU A 166 -21.37 4.24 -18.61
N GLU A 167 -21.94 3.07 -18.33
CA GLU A 167 -21.15 1.90 -18.04
C GLU A 167 -20.71 1.18 -19.30
N VAL A 168 -19.55 0.52 -19.19
CA VAL A 168 -18.93 -0.20 -20.28
C VAL A 168 -18.25 -1.46 -19.74
N ILE A 169 -18.07 -2.45 -20.58
CA ILE A 169 -17.40 -3.68 -20.13
C ILE A 169 -16.00 -3.61 -20.75
N ALA A 170 -14.96 -3.62 -19.91
CA ALA A 170 -13.56 -3.58 -20.39
C ALA A 170 -12.93 -4.96 -20.32
N ILE A 171 -12.23 -5.35 -21.39
CA ILE A 171 -11.63 -6.70 -21.49
C ILE A 171 -10.11 -6.70 -21.76
N GLY A 172 -9.39 -7.39 -20.90
CA GLY A 172 -7.96 -7.46 -21.09
C GLY A 172 -7.43 -8.83 -20.71
N GLY A 173 -6.14 -9.04 -20.95
CA GLY A 173 -5.56 -10.32 -20.60
C GLY A 173 -4.06 -10.27 -20.40
N THR A 174 -3.46 -11.43 -20.20
CA THR A 174 -2.04 -11.51 -20.00
C THR A 174 -1.38 -11.89 -21.33
N ALA A 175 -0.78 -10.89 -21.97
CA ALA A 175 -0.05 -10.99 -23.23
C ALA A 175 -0.86 -11.47 -24.42
N TRP A 176 -1.50 -12.62 -24.30
CA TRP A 176 -2.31 -13.16 -25.37
C TRP A 176 -3.75 -13.40 -24.92
N GLY A 177 -4.69 -13.10 -25.81
CA GLY A 177 -6.10 -13.33 -25.49
C GLY A 177 -6.65 -12.58 -24.30
N ALA A 178 -7.56 -13.18 -23.55
CA ALA A 178 -8.14 -12.48 -22.41
C ALA A 178 -8.39 -13.31 -21.13
N ASP A 179 -8.25 -12.66 -19.97
CA ASP A 179 -8.48 -13.31 -18.68
C ASP A 179 -9.06 -12.34 -17.63
N THR A 180 -9.31 -11.10 -18.04
CA THR A 180 -9.88 -10.12 -17.14
C THR A 180 -10.93 -9.28 -17.81
N ALA A 181 -12.06 -9.09 -17.17
CA ALA A 181 -13.11 -8.27 -17.77
C ALA A 181 -13.71 -7.51 -16.62
N LEU A 182 -13.89 -6.21 -16.82
CA LEU A 182 -14.42 -5.35 -15.78
C LEU A 182 -15.64 -4.58 -16.25
N VAL A 183 -16.46 -4.13 -15.29
CA VAL A 183 -17.62 -3.31 -15.57
C VAL A 183 -17.26 -1.96 -14.97
N LEU A 184 -17.13 -0.96 -15.82
CA LEU A 184 -16.71 0.33 -15.31
C LEU A 184 -17.24 1.49 -16.11
N THR A 185 -16.94 2.66 -15.61
CA THR A 185 -17.34 3.90 -16.26
C THR A 185 -16.05 4.61 -16.61
N PRO A 186 -15.73 4.69 -17.91
CA PRO A 186 -14.49 5.36 -18.30
C PRO A 186 -14.44 6.81 -17.84
N ALA A 187 -13.29 7.41 -18.08
CA ALA A 187 -13.05 8.80 -17.75
C ALA A 187 -11.92 9.26 -18.66
N HIS A 188 -11.85 10.55 -18.94
CA HIS A 188 -10.78 11.07 -19.78
C HIS A 188 -9.45 11.18 -19.05
N MSE A 189 -8.39 11.39 -19.80
CA MSE A 189 -7.05 11.53 -19.24
C MSE A 189 -6.98 12.73 -18.29
O MSE A 189 -6.28 12.69 -17.30
CB MSE A 189 -6.00 11.74 -20.34
CG MSE A 189 -6.26 12.97 -21.16
SE MSE A 189 -4.81 13.64 -22.27
CE MSE A 189 -4.25 15.19 -21.26
N ASN A 190 -7.69 13.81 -18.60
CA ASN A 190 -7.62 14.97 -17.74
C ASN A 190 -8.44 14.78 -16.47
N SER A 191 -9.26 13.75 -16.41
CA SER A 191 -10.01 13.48 -15.20
C SER A 191 -9.96 11.99 -14.84
N VAL A 192 -8.77 11.41 -15.02
CA VAL A 192 -8.55 10.00 -14.72
C VAL A 192 -9.15 9.46 -13.45
N PHE A 193 -8.89 10.16 -12.36
CA PHE A 193 -9.37 9.69 -11.07
C PHE A 193 -10.86 9.76 -10.92
N ASP A 194 -11.54 9.97 -12.04
CA ASP A 194 -13.00 9.96 -12.08
C ASP A 194 -13.43 8.61 -12.69
N LEU A 195 -12.47 7.72 -12.91
CA LEU A 195 -12.77 6.42 -13.50
C LEU A 195 -13.30 5.53 -12.39
N ARG A 196 -14.42 4.85 -12.65
CA ARG A 196 -15.01 4.04 -11.60
C ARG A 196 -15.08 2.57 -11.98
N ILE A 197 -14.60 1.72 -11.08
CA ILE A 197 -14.64 0.30 -11.30
C ILE A 197 -15.84 -0.24 -10.53
N HIS A 198 -16.79 -0.79 -11.26
CA HIS A 198 -18.03 -1.30 -10.69
C HIS A 198 -18.10 -2.82 -10.35
N GLU A 199 -17.89 -3.68 -11.35
CA GLU A 199 -17.92 -5.14 -11.13
C GLU A 199 -16.77 -5.87 -11.81
N VAL A 200 -16.30 -6.95 -11.18
CA VAL A 200 -15.23 -7.74 -11.77
C VAL A 200 -15.90 -9.03 -12.29
N ILE A 201 -16.14 -9.11 -13.59
CA ILE A 201 -16.77 -10.30 -14.16
C ILE A 201 -15.89 -11.53 -14.01
N ALA A 202 -14.58 -11.36 -14.22
CA ALA A 202 -13.64 -12.49 -14.09
C ALA A 202 -12.19 -11.99 -13.97
N MSE A 203 -11.34 -12.72 -13.27
CA MSE A 203 -9.95 -12.29 -13.12
C MSE A 203 -9.06 -13.41 -12.67
O MSE A 203 -9.46 -14.25 -11.88
CB MSE A 203 -9.84 -11.15 -12.10
CG MSE A 203 -10.43 -11.51 -10.76
SE MSE A 203 -9.78 -10.50 -9.21
CE MSE A 203 -11.49 -9.72 -8.68
N PRO A 204 -7.80 -13.43 -13.13
CA PRO A 204 -6.90 -14.50 -12.69
C PRO A 204 -6.62 -14.27 -11.21
N ARG A 205 -6.84 -15.30 -10.40
CA ARG A 205 -6.63 -15.28 -8.96
C ARG A 205 -5.18 -15.01 -8.52
N PRO A 206 -4.19 -15.55 -9.26
CA PRO A 206 -2.80 -15.32 -8.87
C PRO A 206 -2.38 -13.80 -8.84
N MSE B 21 -12.56 -21.22 -10.97
CA MSE B 21 -13.76 -21.42 -10.10
C MSE B 21 -14.64 -20.19 -10.04
O MSE B 21 -14.18 -19.06 -10.11
CB MSE B 21 -13.35 -21.78 -8.69
CG MSE B 21 -12.64 -20.67 -7.99
SE MSE B 21 -10.90 -21.19 -7.38
CE MSE B 21 -10.55 -19.58 -6.35
N GLU B 22 -15.93 -20.47 -9.89
CA GLU B 22 -16.98 -19.47 -9.85
C GLU B 22 -17.42 -19.26 -8.42
N LYS B 23 -17.34 -18.02 -7.95
CA LYS B 23 -17.72 -17.71 -6.59
C LYS B 23 -18.67 -16.52 -6.55
N LYS B 24 -19.35 -16.35 -5.43
CA LYS B 24 -20.26 -15.24 -5.32
C LYS B 24 -19.46 -14.02 -4.82
N ILE B 25 -19.94 -12.84 -5.19
CA ILE B 25 -19.34 -11.60 -4.74
C ILE B 25 -20.54 -10.68 -4.51
N CYS B 26 -20.43 -9.80 -3.52
CA CYS B 26 -21.49 -8.87 -3.18
C CYS B 26 -21.07 -7.44 -3.56
N TYR B 27 -21.92 -6.79 -4.34
CA TYR B 27 -21.67 -5.41 -4.74
C TYR B 27 -22.63 -4.53 -3.95
N PHE B 28 -22.14 -3.83 -2.94
CA PHE B 28 -23.03 -2.94 -2.20
C PHE B 28 -23.56 -1.80 -3.11
N GLU B 29 -24.87 -1.63 -3.10
CA GLU B 29 -25.50 -0.61 -3.90
C GLU B 29 -24.87 0.74 -3.59
N GLU B 30 -24.49 0.94 -2.32
CA GLU B 30 -23.86 2.16 -1.86
C GLU B 30 -22.76 1.84 -0.85
N PRO B 31 -21.69 2.67 -0.80
CA PRO B 31 -20.56 2.49 0.12
C PRO B 31 -20.99 2.87 1.55
N GLY B 32 -20.17 2.58 2.57
CA GLY B 32 -20.53 2.98 3.93
C GLY B 32 -20.73 1.95 5.04
N LYS B 33 -21.20 2.45 6.18
CA LYS B 33 -21.43 1.64 7.35
C LYS B 33 -22.63 0.71 7.20
N GLU B 34 -23.68 1.16 6.53
CA GLU B 34 -24.88 0.35 6.32
C GLU B 34 -24.48 -1.10 6.00
N ASN B 35 -23.39 -1.25 5.24
CA ASN B 35 -22.87 -2.54 4.79
C ASN B 35 -22.00 -3.38 5.72
N THR B 36 -21.56 -2.83 6.85
CA THR B 36 -20.68 -3.57 7.75
C THR B 36 -21.06 -5.02 8.15
N GLU B 37 -22.32 -5.32 8.43
CA GLU B 37 -22.68 -6.70 8.79
C GLU B 37 -22.43 -7.75 7.69
N ARG B 38 -22.97 -7.51 6.49
CA ARG B 38 -22.80 -8.41 5.34
C ARG B 38 -21.32 -8.71 5.09
N VAL B 39 -20.50 -7.66 4.99
CA VAL B 39 -19.08 -7.84 4.77
C VAL B 39 -18.47 -8.80 5.77
N LEU B 40 -18.85 -8.64 7.04
CA LEU B 40 -18.27 -9.54 8.03
C LEU B 40 -18.84 -10.94 7.84
N GLU B 41 -20.03 -11.01 7.27
CA GLU B 41 -20.67 -12.29 7.05
C GLU B 41 -20.00 -13.07 5.93
N LEU B 42 -19.61 -12.38 4.89
CA LEU B 42 -18.99 -13.06 3.77
C LEU B 42 -17.59 -13.43 4.18
N VAL B 43 -17.01 -12.62 5.06
CA VAL B 43 -15.66 -12.89 5.51
C VAL B 43 -15.62 -14.26 6.20
N GLY B 44 -16.66 -14.54 6.98
CA GLY B 44 -16.75 -15.79 7.69
C GLY B 44 -16.77 -16.96 6.73
N GLU B 45 -17.73 -16.94 5.80
CA GLU B 45 -17.83 -18.02 4.83
C GLU B 45 -16.51 -18.23 4.11
N ARG B 46 -16.11 -17.23 3.33
CA ARG B 46 -14.92 -17.33 2.53
C ARG B 46 -13.75 -17.84 3.32
N ALA B 47 -13.49 -17.19 4.44
CA ALA B 47 -12.39 -17.59 5.28
C ALA B 47 -12.48 -19.09 5.50
N ASP B 48 -13.65 -19.59 5.90
CA ASP B 48 -13.75 -21.02 6.11
C ASP B 48 -13.68 -21.83 4.82
N GLN B 49 -14.31 -21.32 3.76
CA GLN B 49 -14.33 -21.97 2.44
C GLN B 49 -12.87 -22.11 1.93
N LEU B 50 -11.96 -21.32 2.52
CA LEU B 50 -10.57 -21.31 2.08
C LEU B 50 -9.57 -21.70 3.12
N GLY B 51 -9.95 -21.67 4.38
CA GLY B 51 -9.01 -22.02 5.43
C GLY B 51 -8.04 -20.90 5.77
N ILE B 52 -8.53 -19.66 5.69
CA ILE B 52 -7.72 -18.51 6.03
C ILE B 52 -7.89 -18.22 7.51
N ARG B 53 -6.78 -18.24 8.25
CA ARG B 53 -6.80 -17.98 9.69
C ARG B 53 -6.13 -16.66 10.03
N ASN B 54 -5.99 -15.80 9.02
CA ASN B 54 -5.35 -14.50 9.19
C ASN B 54 -6.25 -13.34 8.80
N PHE B 55 -6.56 -12.46 9.75
CA PHE B 55 -7.42 -11.32 9.44
C PHE B 55 -6.83 -9.96 9.77
N VAL B 56 -6.93 -9.03 8.83
CA VAL B 56 -6.43 -7.68 9.01
C VAL B 56 -7.54 -6.64 8.84
N VAL B 57 -7.95 -6.00 9.92
CA VAL B 57 -9.02 -5.01 9.84
C VAL B 57 -8.62 -3.57 10.07
N ALA B 58 -9.36 -2.69 9.43
CA ALA B 58 -9.17 -1.27 9.58
C ALA B 58 -10.33 -0.88 10.49
N SER B 59 -10.01 -0.57 11.72
CA SER B 59 -11.01 -0.18 12.71
C SER B 59 -10.36 0.97 13.46
N VAL B 60 -10.95 2.14 13.41
CA VAL B 60 -10.32 3.24 14.11
C VAL B 60 -10.87 3.35 15.50
N SER B 61 -12.19 3.15 15.66
CA SER B 61 -12.78 3.22 17.00
C SER B 61 -12.62 1.83 17.63
N GLY B 62 -12.66 0.80 16.80
CA GLY B 62 -12.50 -0.58 17.26
C GLY B 62 -13.78 -1.38 17.10
N GLU B 63 -14.87 -0.67 16.78
CA GLU B 63 -16.19 -1.27 16.62
C GLU B 63 -16.22 -2.43 15.62
N THR B 64 -15.27 -2.44 14.69
CA THR B 64 -15.22 -3.48 13.67
C THR B 64 -14.37 -4.69 14.02
N ALA B 65 -13.14 -4.47 14.47
CA ALA B 65 -12.29 -5.58 14.82
C ALA B 65 -13.04 -6.39 15.88
N LEU B 66 -13.77 -5.68 16.72
CA LEU B 66 -14.55 -6.31 17.76
C LEU B 66 -15.65 -7.20 17.17
N ARG B 67 -16.58 -6.59 16.44
CA ARG B 67 -17.68 -7.36 15.85
C ARG B 67 -17.17 -8.59 15.08
N LEU B 68 -15.90 -8.56 14.68
CA LEU B 68 -15.30 -9.63 13.91
C LEU B 68 -14.68 -10.68 14.78
N SER B 69 -14.03 -10.26 15.85
CA SER B 69 -13.37 -11.18 16.76
C SER B 69 -14.36 -12.15 17.41
N GLU B 70 -15.66 -11.87 17.29
CA GLU B 70 -16.68 -12.70 17.87
C GLU B 70 -17.45 -13.51 16.83
N MSE B 71 -16.84 -13.66 15.65
CA MSE B 71 -17.43 -14.44 14.56
C MSE B 71 -16.38 -15.32 13.87
O MSE B 71 -16.71 -16.14 13.02
CB MSE B 71 -18.09 -13.53 13.55
CG MSE B 71 -19.37 -12.90 14.07
SE MSE B 71 -20.33 -12.10 12.64
CE MSE B 71 -18.99 -10.79 12.14
N VAL B 72 -15.12 -15.11 14.26
CA VAL B 72 -14.00 -15.88 13.74
C VAL B 72 -12.93 -15.95 14.82
N GLU B 73 -11.98 -16.85 14.62
CA GLU B 73 -10.88 -17.05 15.55
C GLU B 73 -9.64 -17.18 14.69
N GLY B 74 -8.46 -16.93 15.26
CA GLY B 74 -7.25 -17.04 14.49
C GLY B 74 -6.36 -15.88 14.83
N ASN B 75 -6.02 -15.08 13.82
CA ASN B 75 -5.17 -13.93 14.06
C ASN B 75 -5.85 -12.67 13.58
N ILE B 76 -6.40 -11.90 14.51
CA ILE B 76 -7.07 -10.67 14.14
C ILE B 76 -6.22 -9.45 14.48
N VAL B 77 -5.74 -8.77 13.45
CA VAL B 77 -4.93 -7.56 13.61
C VAL B 77 -5.83 -6.35 13.38
N SER B 78 -5.96 -5.48 14.37
CA SER B 78 -6.80 -4.31 14.19
C SER B 78 -5.89 -3.13 14.09
N VAL B 79 -6.02 -2.41 12.97
CA VAL B 79 -5.22 -1.22 12.70
C VAL B 79 -6.08 0.01 12.90
N THR B 80 -5.55 1.02 13.59
CA THR B 80 -6.33 2.22 13.78
C THR B 80 -5.53 3.36 13.14
N HIS B 81 -6.12 4.55 13.04
CA HIS B 81 -5.43 5.69 12.45
C HIS B 81 -4.11 6.01 13.16
N HIS B 82 -3.20 6.70 12.47
CA HIS B 82 -1.92 7.05 13.08
C HIS B 82 -2.17 8.11 14.16
N ALA B 83 -1.27 8.19 15.14
CA ALA B 83 -1.42 9.15 16.24
C ALA B 83 -1.72 10.55 15.72
N GLY B 84 -2.81 11.14 16.22
CA GLY B 84 -3.18 12.46 15.78
C GLY B 84 -3.39 12.51 14.28
N PHE B 85 -4.62 12.23 13.88
CA PHE B 85 -5.00 12.21 12.47
C PHE B 85 -6.11 13.23 12.39
N ARG B 86 -6.94 13.27 13.44
CA ARG B 86 -8.03 14.24 13.51
C ARG B 86 -7.49 15.45 14.29
N GLU B 87 -6.78 15.18 15.37
CA GLU B 87 -6.18 16.24 16.18
C GLU B 87 -4.81 15.78 16.63
N LYS B 88 -3.78 16.40 16.06
CA LYS B 88 -2.41 16.06 16.37
C LYS B 88 -2.27 15.76 17.85
N GLY B 89 -1.29 14.92 18.18
CA GLY B 89 -1.11 14.55 19.57
C GLY B 89 -1.88 13.27 19.92
N GLN B 90 -3.22 13.36 20.04
CA GLN B 90 -3.99 12.20 20.45
C GLN B 90 -4.66 11.32 19.39
N LEU B 91 -4.50 10.01 19.62
CA LEU B 91 -5.01 8.93 18.77
C LEU B 91 -6.45 8.59 19.11
N GLU B 92 -7.26 8.39 18.07
CA GLU B 92 -8.69 8.08 18.19
C GLU B 92 -9.09 6.76 18.85
N LEU B 93 -8.10 5.99 19.29
CA LEU B 93 -8.40 4.73 19.95
C LEU B 93 -8.00 4.86 21.41
N GLU B 94 -8.88 4.45 22.32
CA GLU B 94 -8.54 4.53 23.74
C GLU B 94 -8.06 3.18 24.22
N ASP B 95 -7.04 3.18 25.07
CA ASP B 95 -6.51 1.93 25.58
C ASP B 95 -7.66 1.18 26.24
N GLU B 96 -8.84 1.80 26.22
CA GLU B 96 -10.06 1.23 26.78
C GLU B 96 -10.55 0.07 25.91
N ALA B 97 -10.41 0.22 24.60
CA ALA B 97 -10.82 -0.81 23.64
C ALA B 97 -9.55 -1.57 23.30
N ARG B 98 -8.42 -0.87 23.36
CA ARG B 98 -7.15 -1.51 23.08
C ARG B 98 -7.00 -2.67 24.07
N ASP B 99 -7.93 -2.77 25.02
CA ASP B 99 -7.86 -3.88 25.96
C ASP B 99 -9.03 -4.81 25.74
N ALA B 100 -10.18 -4.23 25.41
CA ALA B 100 -11.39 -5.01 25.14
C ALA B 100 -11.10 -5.92 23.95
N LEU B 101 -10.00 -5.64 23.25
CA LEU B 101 -9.58 -6.42 22.09
C LEU B 101 -8.31 -7.19 22.41
N LEU B 102 -7.48 -6.61 23.28
CA LEU B 102 -6.24 -7.27 23.68
C LEU B 102 -6.57 -8.49 24.52
N GLU B 103 -7.81 -8.54 24.97
CA GLU B 103 -8.33 -9.64 25.77
C GLU B 103 -8.76 -10.76 24.83
N ARG B 104 -9.46 -10.37 23.76
CA ARG B 104 -9.96 -11.33 22.77
C ARG B 104 -8.88 -11.94 21.89
N GLY B 105 -7.63 -11.66 22.21
CA GLY B 105 -6.50 -12.21 21.45
C GLY B 105 -6.17 -11.44 20.18
N VAL B 106 -6.91 -10.36 19.98
CA VAL B 106 -6.74 -9.50 18.81
C VAL B 106 -5.48 -8.62 18.93
N ASN B 107 -4.63 -8.64 17.90
CA ASN B 107 -3.46 -7.77 17.91
C ASN B 107 -3.94 -6.36 17.56
N VAL B 108 -3.39 -5.37 18.24
CA VAL B 108 -3.79 -4.01 18.00
C VAL B 108 -2.64 -3.16 17.49
N TYR B 109 -2.85 -2.49 16.36
CA TYR B 109 -1.78 -1.68 15.78
C TYR B 109 -2.10 -0.25 15.30
N ALA B 110 -1.21 0.68 15.65
CA ALA B 110 -1.34 2.08 15.24
C ALA B 110 0.00 2.40 14.63
N GLY B 111 -0.02 2.94 13.42
CA GLY B 111 1.23 3.25 12.76
C GLY B 111 0.97 4.24 11.65
N SER B 112 1.99 4.48 10.85
CA SER B 112 1.83 5.42 9.77
C SER B 112 1.28 4.71 8.54
N HIS B 113 0.16 5.22 8.05
CA HIS B 113 -0.46 4.67 6.85
C HIS B 113 0.59 4.48 5.75
N ALA B 114 0.74 3.24 5.28
CA ALA B 114 1.75 2.93 4.27
C ALA B 114 1.51 3.44 2.86
N LEU B 115 0.29 3.89 2.57
CA LEU B 115 -0.05 4.40 1.22
C LEU B 115 -0.24 5.93 1.23
N SER B 116 0.42 6.58 2.18
CA SER B 116 0.42 8.04 2.34
C SER B 116 1.85 8.34 2.74
N GLY B 117 2.12 7.96 3.97
CA GLY B 117 3.44 8.11 4.55
C GLY B 117 3.82 9.54 4.82
N VAL B 118 5.10 9.84 4.66
CA VAL B 118 5.62 11.18 4.87
C VAL B 118 5.30 12.02 3.65
N GLY B 119 5.37 11.41 2.47
CA GLY B 119 5.02 12.11 1.24
C GLY B 119 3.77 12.92 1.51
N ARG B 120 2.90 12.39 2.38
CA ARG B 120 1.66 13.06 2.79
C ARG B 120 1.99 14.41 3.48
N GLY B 121 2.96 14.41 4.40
CA GLY B 121 3.31 15.65 5.08
C GLY B 121 3.81 16.65 4.05
N ILE B 122 4.69 16.18 3.18
CA ILE B 122 5.23 17.02 2.12
C ILE B 122 4.10 17.70 1.37
N SER B 123 3.33 16.88 0.68
CA SER B 123 2.22 17.37 -0.11
C SER B 123 1.30 18.25 0.73
N ASN B 124 1.48 18.26 2.04
CA ASN B 124 0.63 19.09 2.88
C ASN B 124 1.21 20.50 2.97
N ARG B 125 2.54 20.58 2.84
CA ARG B 125 3.24 21.85 2.85
C ARG B 125 3.22 22.40 1.41
N PHE B 126 3.95 21.72 0.53
CA PHE B 126 4.07 22.11 -0.87
C PHE B 126 2.83 21.95 -1.73
N GLY B 127 2.04 20.92 -1.47
CA GLY B 127 0.84 20.75 -2.24
C GLY B 127 0.88 19.94 -3.52
N GLY B 128 1.84 19.02 -3.67
CA GLY B 128 1.84 18.18 -4.86
C GLY B 128 1.27 16.78 -4.56
N VAL B 129 2.02 15.74 -4.97
CA VAL B 129 1.69 14.34 -4.69
C VAL B 129 2.97 13.57 -4.81
N THR B 130 3.15 12.63 -3.90
CA THR B 130 4.32 11.77 -3.95
C THR B 130 3.81 10.48 -4.60
N PRO B 131 4.73 9.60 -5.05
CA PRO B 131 4.42 8.32 -5.69
C PRO B 131 3.43 7.38 -4.96
N VAL B 132 3.61 7.15 -3.65
CA VAL B 132 2.69 6.23 -2.93
C VAL B 132 1.28 6.78 -2.85
N GLU B 133 1.16 8.11 -2.77
CA GLU B 133 -0.17 8.73 -2.68
C GLU B 133 -0.95 8.49 -3.97
N ILE B 134 -0.20 8.23 -5.04
CA ILE B 134 -0.77 7.97 -6.34
C ILE B 134 -1.21 6.53 -6.40
N MSE B 135 -0.56 5.69 -5.63
CA MSE B 135 -0.90 4.28 -5.55
C MSE B 135 -2.26 4.22 -4.88
O MSE B 135 -3.15 3.47 -5.31
CB MSE B 135 0.13 3.52 -4.72
CG MSE B 135 1.49 3.53 -5.35
SE MSE B 135 2.78 2.41 -4.48
CE MSE B 135 1.67 0.92 -4.01
N ALA B 136 -2.43 5.04 -3.85
CA ALA B 136 -3.69 5.13 -3.13
C ALA B 136 -4.83 5.61 -4.03
N GLU B 137 -4.62 6.72 -4.70
CA GLU B 137 -5.68 7.27 -5.51
C GLU B 137 -6.13 6.29 -6.59
N THR B 138 -5.16 5.59 -7.15
CA THR B 138 -5.42 4.62 -8.20
C THR B 138 -6.33 3.50 -7.67
N LEU B 139 -5.98 3.00 -6.48
CA LEU B 139 -6.73 1.93 -5.85
C LEU B 139 -8.14 2.37 -5.50
N ARG B 140 -8.32 3.67 -5.29
CA ARG B 140 -9.63 4.20 -4.93
C ARG B 140 -10.53 4.25 -6.16
N MSE B 141 -10.00 3.78 -7.28
CA MSE B 141 -10.76 3.71 -8.50
C MSE B 141 -11.84 2.65 -8.37
O MSE B 141 -12.89 2.74 -9.01
CB MSE B 141 -9.85 3.39 -9.68
CG MSE B 141 -9.32 4.62 -10.35
SE MSE B 141 -8.09 4.09 -11.68
CE MSE B 141 -7.63 5.77 -12.52
N VAL B 142 -11.60 1.65 -7.54
CA VAL B 142 -12.60 0.64 -7.41
C VAL B 142 -13.49 0.93 -6.18
N SER B 143 -12.89 1.34 -5.07
CA SER B 143 -13.61 1.69 -3.84
C SER B 143 -12.57 2.23 -2.85
N GLN B 144 -13.01 2.89 -1.80
CA GLN B 144 -12.09 3.41 -0.80
C GLN B 144 -11.57 2.24 0.02
N GLY B 145 -12.49 1.33 0.36
CA GLY B 145 -12.14 0.17 1.15
C GLY B 145 -11.10 -0.67 0.44
N PHE B 146 -11.22 -0.72 -0.88
CA PHE B 146 -10.30 -1.48 -1.69
C PHE B 146 -8.89 -1.00 -1.38
N LYS B 147 -8.73 0.31 -1.28
CA LYS B 147 -7.42 0.91 -1.00
C LYS B 147 -6.85 0.64 0.39
N VAL B 148 -7.69 0.77 1.41
CA VAL B 148 -7.26 0.54 2.79
C VAL B 148 -6.86 -0.91 3.04
N CYS B 149 -7.55 -1.84 2.36
CA CYS B 149 -7.23 -3.27 2.50
C CYS B 149 -5.78 -3.51 2.13
N VAL B 150 -5.38 -2.90 1.02
CA VAL B 150 -4.01 -3.01 0.55
C VAL B 150 -3.07 -2.32 1.56
N GLU B 151 -3.48 -1.16 2.06
CA GLU B 151 -2.69 -0.35 2.98
C GLU B 151 -2.43 -1.08 4.31
N ILE B 152 -3.49 -1.48 4.98
CA ILE B 152 -3.35 -2.21 6.23
C ILE B 152 -2.58 -3.52 6.03
N ALA B 153 -2.70 -4.08 4.84
CA ALA B 153 -2.02 -5.33 4.51
C ALA B 153 -0.53 -5.11 4.66
N ILE B 154 -0.08 -4.00 4.08
CA ILE B 154 1.32 -3.65 4.13
C ILE B 154 1.77 -3.30 5.53
N MSE B 155 1.01 -2.42 6.16
CA MSE B 155 1.33 -2.01 7.51
C MSE B 155 1.66 -3.21 8.40
O MSE B 155 2.76 -3.30 8.94
CB MSE B 155 0.16 -1.20 8.08
CG MSE B 155 -0.14 0.01 7.25
SE MSE B 155 -1.45 1.22 7.84
CE MSE B 155 -2.80 1.03 6.52
N ALA B 156 0.71 -4.14 8.51
CA ALA B 156 0.88 -5.35 9.33
C ALA B 156 2.03 -6.23 8.88
N ALA B 157 2.18 -6.42 7.58
CA ALA B 157 3.27 -7.25 7.08
C ALA B 157 4.58 -6.77 7.68
N ASP B 158 4.85 -5.48 7.52
CA ASP B 158 6.07 -4.86 8.02
C ASP B 158 6.16 -4.86 9.55
N ALA B 159 5.00 -4.81 10.21
CA ALA B 159 4.97 -4.82 11.67
C ALA B 159 5.08 -6.27 12.16
N GLY B 160 5.22 -7.18 11.22
CA GLY B 160 5.35 -8.59 11.56
C GLY B 160 4.08 -9.17 12.15
N LEU B 161 2.96 -8.45 12.06
CA LEU B 161 1.73 -8.95 12.61
C LEU B 161 1.00 -9.95 11.69
N ILE B 162 1.53 -10.16 10.48
CA ILE B 162 0.94 -11.11 9.53
C ILE B 162 1.92 -11.68 8.52
N PRO B 163 1.60 -12.85 7.96
CA PRO B 163 2.40 -13.57 6.97
C PRO B 163 2.49 -12.88 5.61
N VAL B 164 3.54 -13.20 4.87
CA VAL B 164 3.77 -12.63 3.55
C VAL B 164 3.88 -13.79 2.53
N ASP B 165 3.66 -14.99 3.01
CA ASP B 165 3.72 -16.17 2.14
C ASP B 165 2.47 -17.02 2.35
N GLU B 166 1.40 -16.39 2.78
CA GLU B 166 0.13 -17.07 3.01
C GLU B 166 -0.97 -16.08 2.71
N GLU B 167 -2.12 -16.58 2.27
CA GLU B 167 -3.20 -15.68 1.93
C GLU B 167 -3.77 -15.10 3.20
N VAL B 168 -4.49 -13.99 3.08
CA VAL B 168 -5.09 -13.31 4.23
C VAL B 168 -6.31 -12.52 3.76
N ILE B 169 -7.20 -12.19 4.68
CA ILE B 169 -8.39 -11.42 4.34
C ILE B 169 -8.29 -10.08 5.03
N ALA B 170 -8.20 -9.03 4.23
CA ALA B 170 -8.11 -7.69 4.77
C ALA B 170 -9.52 -7.08 4.71
N ILE B 171 -9.91 -6.37 5.77
CA ILE B 171 -11.24 -5.77 5.82
C ILE B 171 -11.16 -4.25 5.92
N GLY B 172 -11.96 -3.56 5.12
CA GLY B 172 -11.93 -2.12 5.14
C GLY B 172 -13.26 -1.51 4.77
N GLY B 173 -13.32 -0.19 4.72
CA GLY B 173 -14.57 0.45 4.35
C GLY B 173 -14.44 1.93 4.06
N THR B 174 -15.55 2.56 3.75
CA THR B 174 -15.57 3.99 3.46
C THR B 174 -15.84 4.84 4.71
N ALA B 175 -14.80 5.43 5.27
CA ALA B 175 -14.95 6.29 6.44
C ALA B 175 -15.14 5.51 7.74
N TRP B 176 -16.31 4.90 7.94
CA TRP B 176 -16.56 4.12 9.15
C TRP B 176 -17.22 2.80 8.78
N GLY B 177 -16.90 1.75 9.51
CA GLY B 177 -17.52 0.47 9.21
C GLY B 177 -16.75 -0.29 8.16
N ALA B 178 -17.46 -1.12 7.40
CA ALA B 178 -16.81 -1.91 6.38
C ALA B 178 -17.69 -2.12 5.15
N ASP B 179 -17.07 -2.18 3.98
CA ASP B 179 -17.83 -2.43 2.78
C ASP B 179 -16.96 -3.09 1.74
N THR B 180 -15.72 -3.40 2.13
CA THR B 180 -14.75 -4.01 1.23
C THR B 180 -13.92 -5.09 1.92
N ALA B 181 -13.76 -6.24 1.27
CA ALA B 181 -12.99 -7.34 1.87
C ALA B 181 -12.21 -8.02 0.77
N LEU B 182 -10.94 -8.28 1.03
CA LEU B 182 -10.11 -8.87 0.01
C LEU B 182 -9.35 -10.08 0.47
N VAL B 183 -9.19 -11.01 -0.45
CA VAL B 183 -8.39 -12.19 -0.17
C VAL B 183 -7.12 -11.83 -0.92
N LEU B 184 -6.04 -11.60 -0.18
CA LEU B 184 -4.79 -11.17 -0.78
C LEU B 184 -3.55 -11.69 -0.06
N THR B 185 -2.40 -11.57 -0.72
CA THR B 185 -1.13 -11.98 -0.13
C THR B 185 -0.26 -10.76 0.15
N PRO B 186 -0.14 -10.39 1.43
CA PRO B 186 0.66 -9.24 1.85
C PRO B 186 2.07 -9.27 1.29
N ALA B 187 2.71 -8.10 1.27
CA ALA B 187 4.09 -7.94 0.81
C ALA B 187 4.68 -6.84 1.67
N HIS B 188 5.99 -6.87 1.88
CA HIS B 188 6.57 -5.83 2.71
C HIS B 188 6.78 -4.52 1.97
N MSE B 189 6.95 -3.44 2.72
CA MSE B 189 7.13 -2.12 2.15
C MSE B 189 8.21 -2.02 1.07
O MSE B 189 8.10 -1.22 0.15
CB MSE B 189 7.47 -1.13 3.23
CG MSE B 189 8.89 -0.64 3.20
SE MSE B 189 9.30 0.19 4.88
CE MSE B 189 11.18 0.29 4.60
N ASN B 190 9.24 -2.84 1.19
CA ASN B 190 10.37 -2.84 0.26
C ASN B 190 10.20 -3.82 -0.87
N SER B 191 9.06 -4.48 -0.90
CA SER B 191 8.77 -5.44 -1.95
C SER B 191 7.30 -5.28 -2.22
N VAL B 192 6.82 -4.08 -1.93
CA VAL B 192 5.43 -3.72 -2.10
C VAL B 192 4.74 -4.26 -3.35
N PHE B 193 5.38 -4.18 -4.52
CA PHE B 193 4.73 -4.66 -5.75
C PHE B 193 4.67 -6.17 -5.86
N ASP B 194 4.92 -6.85 -4.76
CA ASP B 194 4.84 -8.30 -4.76
C ASP B 194 3.47 -8.65 -4.24
N LEU B 195 2.86 -7.71 -3.50
CA LEU B 195 1.52 -7.89 -2.95
C LEU B 195 0.57 -8.32 -4.09
N ARG B 196 -0.15 -9.42 -3.87
CA ARG B 196 -1.08 -9.95 -4.84
C ARG B 196 -2.50 -9.94 -4.28
N ILE B 197 -3.48 -9.60 -5.12
CA ILE B 197 -4.87 -9.62 -4.70
C ILE B 197 -5.50 -10.81 -5.41
N HIS B 198 -6.03 -11.74 -4.62
CA HIS B 198 -6.60 -12.95 -5.16
C HIS B 198 -8.09 -12.96 -5.40
N GLU B 199 -8.86 -12.53 -4.41
CA GLU B 199 -10.30 -12.53 -4.52
C GLU B 199 -10.87 -11.27 -3.88
N VAL B 200 -12.02 -10.82 -4.42
CA VAL B 200 -12.74 -9.67 -3.89
C VAL B 200 -14.03 -10.20 -3.29
N ILE B 201 -14.08 -10.33 -1.97
CA ILE B 201 -15.27 -10.84 -1.32
C ILE B 201 -16.45 -9.88 -1.44
N ALA B 202 -16.23 -8.62 -1.09
CA ALA B 202 -17.31 -7.63 -1.17
C ALA B 202 -16.74 -6.26 -1.47
N MSE B 203 -17.52 -5.47 -2.21
CA MSE B 203 -17.12 -4.11 -2.55
C MSE B 203 -18.27 -3.21 -2.98
O MSE B 203 -19.24 -3.67 -3.59
CB MSE B 203 -16.06 -4.12 -3.67
CG MSE B 203 -16.52 -4.84 -4.93
SE MSE B 203 -15.51 -4.36 -6.50
CE MSE B 203 -14.00 -5.49 -6.37
N PRO B 204 -18.17 -1.92 -2.69
CA PRO B 204 -19.23 -0.98 -3.08
C PRO B 204 -19.18 -0.82 -4.59
N ARG B 205 -20.28 -1.06 -5.29
CA ARG B 205 -20.32 -0.94 -6.75
C ARG B 205 -19.91 0.44 -7.26
N PRO B 206 -20.43 1.53 -6.66
CA PRO B 206 -20.05 2.87 -7.12
C PRO B 206 -18.54 3.09 -7.13
N MSE C 21 23.17 31.34 24.00
CA MSE C 21 23.39 30.46 25.19
C MSE C 21 24.41 29.36 24.87
O MSE C 21 25.22 29.54 23.97
CB MSE C 21 22.06 29.87 25.63
CG MSE C 21 21.03 30.94 25.91
SE MSE C 21 20.16 30.65 27.59
CE MSE C 21 18.48 29.94 26.94
N GLU C 22 24.39 28.24 25.60
CA GLU C 22 25.36 27.17 25.33
C GLU C 22 25.18 25.80 26.02
N LYS C 23 25.93 24.81 25.53
CA LYS C 23 25.93 23.42 26.03
C LYS C 23 27.15 22.60 25.53
N LYS C 24 27.08 21.27 25.60
CA LYS C 24 28.20 20.41 25.17
C LYS C 24 27.87 19.18 24.30
N ILE C 25 28.83 18.78 23.46
CA ILE C 25 28.68 17.67 22.52
C ILE C 25 30.00 16.88 22.26
N CYS C 26 29.97 15.81 21.44
CA CYS C 26 31.16 14.98 21.15
C CYS C 26 31.34 14.50 19.68
N TYR C 27 32.55 14.04 19.33
CA TYR C 27 32.83 13.62 17.94
C TYR C 27 33.68 12.35 17.72
N PHE C 28 33.03 11.28 17.27
CA PHE C 28 33.71 10.00 17.03
C PHE C 28 34.68 10.06 15.86
N GLU C 29 35.83 9.40 15.99
CA GLU C 29 36.83 9.40 14.93
C GLU C 29 36.35 8.57 13.74
N GLU C 30 36.05 7.30 13.95
CA GLU C 30 35.56 6.44 12.90
C GLU C 30 34.20 5.91 13.41
N PRO C 31 33.30 5.47 12.50
CA PRO C 31 31.95 4.95 12.76
C PRO C 31 31.73 3.55 13.37
N GLY C 32 30.64 3.37 14.12
CA GLY C 32 30.34 2.03 14.63
C GLY C 32 29.83 1.57 15.99
N LYS C 33 30.11 0.29 16.16
CA LYS C 33 29.81 -0.55 17.30
C LYS C 33 30.44 0.00 18.58
N GLU C 34 31.77 0.08 18.57
CA GLU C 34 32.59 0.57 19.67
C GLU C 34 32.28 1.97 20.21
N ASN C 35 31.06 2.45 20.05
CA ASN C 35 30.77 3.79 20.53
C ASN C 35 29.52 3.90 21.36
N THR C 36 28.59 2.96 21.20
CA THR C 36 27.35 2.98 21.96
C THR C 36 27.60 3.15 23.47
N GLU C 37 28.69 2.60 23.99
CA GLU C 37 28.99 2.77 25.41
C GLU C 37 29.19 4.26 25.64
N ARG C 38 30.25 4.77 25.02
CA ARG C 38 30.59 6.18 25.13
C ARG C 38 29.35 6.96 24.76
N VAL C 39 28.71 6.56 23.66
CA VAL C 39 27.50 7.24 23.24
C VAL C 39 26.53 7.13 24.43
N LEU C 40 26.03 5.92 24.68
CA LEU C 40 25.07 5.65 25.75
C LEU C 40 25.32 6.41 27.03
N GLU C 41 26.47 6.16 27.61
CA GLU C 41 26.87 6.81 28.84
C GLU C 41 26.62 8.30 28.67
N LEU C 42 27.32 8.90 27.71
CA LEU C 42 27.20 10.31 27.42
C LEU C 42 25.80 10.69 26.98
N VAL C 43 25.18 9.85 26.14
CA VAL C 43 23.83 10.15 25.69
C VAL C 43 22.94 10.17 26.91
N GLY C 44 23.25 9.28 27.85
CA GLY C 44 22.50 9.25 29.08
C GLY C 44 22.77 10.51 29.90
N GLU C 45 24.03 10.68 30.31
CA GLU C 45 24.42 11.85 31.09
C GLU C 45 23.68 13.08 30.62
N ARG C 46 23.97 13.45 29.37
CA ARG C 46 23.34 14.60 28.76
C ARG C 46 21.82 14.41 28.87
N ALA C 47 21.33 13.26 28.39
CA ALA C 47 19.90 12.98 28.44
C ALA C 47 19.38 13.30 29.83
N ASP C 48 20.10 12.81 30.84
CA ASP C 48 19.72 13.04 32.23
C ASP C 48 19.85 14.51 32.58
N GLN C 49 21.05 15.07 32.40
CA GLN C 49 21.30 16.47 32.70
C GLN C 49 20.26 17.37 32.08
N LEU C 50 19.75 16.99 30.92
CA LEU C 50 18.76 17.82 30.25
C LEU C 50 17.37 17.68 30.89
N GLY C 51 17.07 16.49 31.41
CA GLY C 51 15.80 16.27 32.08
C GLY C 51 14.52 16.33 31.27
N ILE C 52 14.03 15.15 30.88
CA ILE C 52 12.80 15.01 30.09
C ILE C 52 12.11 13.68 30.48
N ARG C 53 10.83 13.54 30.13
CA ARG C 53 10.06 12.32 30.45
C ARG C 53 9.59 11.48 29.25
N ASN C 54 10.24 11.60 28.09
CA ASN C 54 9.86 10.82 26.91
C ASN C 54 11.07 10.53 26.00
N PHE C 55 11.33 9.26 25.70
CA PHE C 55 12.51 8.86 24.91
C PHE C 55 12.23 7.91 23.68
N VAL C 56 13.28 7.55 22.92
CA VAL C 56 13.20 6.65 21.71
C VAL C 56 14.56 6.17 21.15
N VAL C 57 14.69 4.91 20.72
CA VAL C 57 15.97 4.44 20.14
C VAL C 57 15.95 3.38 19.02
N ALA C 58 17.10 3.13 18.39
CA ALA C 58 17.18 2.20 17.26
C ALA C 58 18.03 0.92 17.39
N SER C 59 17.45 -0.14 17.95
CA SER C 59 18.18 -1.42 18.05
C SER C 59 17.49 -2.54 17.27
N VAL C 60 18.17 -3.03 16.23
CA VAL C 60 17.64 -4.11 15.39
C VAL C 60 17.62 -5.47 16.10
N SER C 61 18.30 -5.55 17.24
CA SER C 61 18.33 -6.78 18.02
C SER C 61 17.74 -6.51 19.40
N GLY C 62 18.06 -5.34 19.95
CA GLY C 62 17.57 -4.97 21.26
C GLY C 62 18.65 -4.60 22.27
N GLU C 63 19.84 -5.21 22.14
CA GLU C 63 20.97 -4.96 23.06
C GLU C 63 21.08 -3.49 23.39
N THR C 64 21.56 -2.72 22.43
CA THR C 64 21.74 -1.29 22.60
C THR C 64 20.59 -0.59 23.34
N ALA C 65 19.40 -1.19 23.35
CA ALA C 65 18.26 -0.62 24.08
C ALA C 65 18.21 -1.31 25.45
N LEU C 66 18.95 -2.39 25.58
CA LEU C 66 19.08 -3.16 26.82
C LEU C 66 19.96 -2.26 27.68
N ARG C 67 21.15 -1.96 27.17
CA ARG C 67 22.07 -1.10 27.89
C ARG C 67 21.38 0.20 28.31
N LEU C 68 20.45 0.69 27.49
CA LEU C 68 19.75 1.94 27.79
C LEU C 68 18.68 1.83 28.88
N SER C 69 17.78 0.87 28.72
CA SER C 69 16.70 0.65 29.69
C SER C 69 16.98 1.08 31.14
N GLU C 70 18.06 0.53 31.72
CA GLU C 70 18.46 0.78 33.11
C GLU C 70 19.11 2.11 33.48
N MSE C 71 19.07 3.10 32.58
CA MSE C 71 19.69 4.39 32.89
C MSE C 71 18.78 5.60 32.71
O MSE C 71 19.26 6.73 32.70
CB MSE C 71 20.97 4.55 32.08
CG MSE C 71 22.10 3.66 32.59
SE MSE C 71 23.39 3.07 31.27
CE MSE C 71 23.25 1.17 31.59
N VAL C 72 17.48 5.37 32.59
CA VAL C 72 16.55 6.48 32.39
C VAL C 72 15.18 6.26 33.00
N GLU C 73 14.44 7.36 33.21
CA GLU C 73 13.11 7.29 33.82
C GLU C 73 11.95 7.88 33.01
N GLY C 74 10.91 7.07 32.81
CA GLY C 74 9.76 7.54 32.05
C GLY C 74 9.32 6.66 30.89
N ASN C 75 9.62 7.11 29.67
CA ASN C 75 9.20 6.39 28.48
C ASN C 75 10.27 6.03 27.44
N ILE C 76 10.97 4.91 27.62
CA ILE C 76 11.96 4.46 26.62
C ILE C 76 11.11 3.67 25.58
N VAL C 77 11.63 3.46 24.37
CA VAL C 77 10.93 2.68 23.35
C VAL C 77 11.99 2.19 22.38
N SER C 78 11.85 0.97 21.88
CA SER C 78 12.89 0.45 20.98
C SER C 78 12.43 -0.07 19.61
N VAL C 79 12.18 0.88 18.70
CA VAL C 79 11.78 0.56 17.34
C VAL C 79 12.86 -0.32 16.70
N THR C 80 12.45 -1.26 15.87
CA THR C 80 13.42 -2.11 15.21
C THR C 80 13.12 -2.23 13.72
N HIS C 81 13.95 -2.98 13.00
CA HIS C 81 13.76 -3.23 11.57
C HIS C 81 12.39 -3.82 11.26
N HIS C 82 11.68 -3.22 10.31
CA HIS C 82 10.37 -3.71 9.88
C HIS C 82 10.57 -5.15 9.41
N ALA C 83 9.59 -6.02 9.68
CA ALA C 83 9.71 -7.41 9.25
C ALA C 83 10.01 -7.49 7.76
N GLY C 84 10.82 -8.47 7.36
CA GLY C 84 11.15 -8.64 5.96
C GLY C 84 12.32 -7.80 5.50
N PHE C 85 12.92 -7.08 6.44
CA PHE C 85 14.06 -6.24 6.13
C PHE C 85 15.18 -7.11 5.59
N ARG C 86 15.25 -8.35 6.07
CA ARG C 86 16.30 -9.29 5.65
C ARG C 86 15.74 -10.46 4.85
N GLU C 87 14.61 -10.98 5.31
CA GLU C 87 13.94 -12.10 4.66
C GLU C 87 12.46 -11.89 4.90
N LYS C 88 11.64 -12.22 3.91
CA LYS C 88 10.19 -12.04 4.03
C LYS C 88 9.58 -12.50 5.36
N GLY C 89 8.89 -11.58 6.03
CA GLY C 89 8.21 -11.90 7.28
C GLY C 89 9.08 -12.36 8.43
N GLN C 90 10.19 -11.68 8.63
CA GLN C 90 11.07 -12.05 9.71
C GLN C 90 11.60 -10.80 10.42
N LEU C 91 10.89 -10.41 11.49
CA LEU C 91 11.31 -9.26 12.30
C LEU C 91 12.55 -9.80 12.99
N GLU C 92 13.38 -8.94 13.53
CA GLU C 92 14.59 -9.44 14.17
C GLU C 92 14.56 -9.44 15.69
N LEU C 93 13.87 -8.47 16.26
CA LEU C 93 13.73 -8.38 17.71
C LEU C 93 13.30 -9.76 18.19
N GLU C 94 14.27 -10.58 18.59
CA GLU C 94 13.96 -11.92 19.08
C GLU C 94 12.85 -11.87 20.12
N ASP C 95 11.90 -12.80 20.05
CA ASP C 95 10.82 -12.80 21.03
C ASP C 95 11.43 -13.02 22.40
N GLU C 96 12.58 -13.68 22.41
CA GLU C 96 13.32 -13.88 23.65
C GLU C 96 13.67 -12.49 24.16
N ALA C 97 14.10 -11.63 23.23
CA ALA C 97 14.48 -10.27 23.53
C ALA C 97 13.26 -9.33 23.57
N ARG C 98 12.23 -9.64 22.78
CA ARG C 98 11.01 -8.82 22.79
C ARG C 98 10.45 -8.91 24.19
N ASP C 99 10.35 -10.15 24.65
CA ASP C 99 9.87 -10.45 25.99
C ASP C 99 10.73 -9.64 26.96
N ALA C 100 12.04 -9.79 26.80
CA ALA C 100 13.02 -9.09 27.61
C ALA C 100 12.68 -7.61 27.66
N LEU C 101 12.73 -6.98 26.49
CA LEU C 101 12.46 -5.56 26.37
C LEU C 101 11.15 -5.18 27.06
N LEU C 102 10.02 -5.53 26.44
CA LEU C 102 8.70 -5.24 27.01
C LEU C 102 8.69 -5.42 28.52
N GLU C 103 9.35 -6.47 28.97
CA GLU C 103 9.42 -6.81 30.39
C GLU C 103 10.17 -5.77 31.17
N ARG C 104 11.38 -5.46 30.72
CA ARG C 104 12.21 -4.47 31.37
C ARG C 104 11.37 -3.21 31.69
N GLY C 105 10.09 -3.27 31.36
CA GLY C 105 9.18 -2.18 31.65
C GLY C 105 9.07 -1.10 30.59
N VAL C 106 9.58 -1.34 29.38
CA VAL C 106 9.54 -0.30 28.35
C VAL C 106 9.21 -0.67 26.88
N ASN C 107 8.16 -0.02 26.36
CA ASN C 107 7.60 -0.19 25.00
C ASN C 107 8.45 -0.69 23.82
N VAL C 108 7.84 -1.48 22.94
CA VAL C 108 8.49 -2.00 21.71
C VAL C 108 7.62 -1.80 20.48
N TYR C 109 8.26 -1.41 19.36
CA TYR C 109 7.58 -1.17 18.10
C TYR C 109 8.33 -1.71 16.89
N ALA C 110 7.56 -1.96 15.85
CA ALA C 110 8.04 -2.45 14.58
C ALA C 110 7.05 -1.88 13.58
N GLY C 111 7.56 -1.21 12.58
CA GLY C 111 6.67 -0.62 11.60
C GLY C 111 7.51 -0.38 10.38
N SER C 112 6.94 0.32 9.40
CA SER C 112 7.69 0.63 8.20
C SER C 112 8.54 1.87 8.47
N HIS C 113 9.82 1.81 8.12
CA HIS C 113 10.72 2.95 8.30
C HIS C 113 10.14 4.22 7.66
N ALA C 114 9.80 5.21 8.49
CA ALA C 114 9.23 6.48 8.03
C ALA C 114 10.00 7.25 6.94
N LEU C 115 11.25 6.90 6.68
CA LEU C 115 11.99 7.63 5.65
C LEU C 115 12.39 6.82 4.43
N SER C 116 11.51 5.91 4.03
CA SER C 116 11.77 5.09 2.86
C SER C 116 10.41 4.57 2.41
N GLY C 117 9.75 3.86 3.32
CA GLY C 117 8.43 3.32 3.09
C GLY C 117 8.23 2.55 1.80
N VAL C 118 7.01 2.59 1.31
CA VAL C 118 6.69 1.89 0.07
C VAL C 118 7.61 2.51 -0.97
N GLY C 119 8.00 3.77 -0.74
CA GLY C 119 8.91 4.45 -1.63
C GLY C 119 10.04 3.48 -2.00
N ARG C 120 10.67 2.89 -0.98
CA ARG C 120 11.76 1.93 -1.23
C ARG C 120 11.26 0.73 -2.01
N GLY C 121 9.95 0.50 -1.99
CA GLY C 121 9.40 -0.61 -2.73
C GLY C 121 9.50 -0.28 -4.21
N ILE C 122 9.02 0.92 -4.54
CA ILE C 122 9.02 1.44 -5.90
C ILE C 122 10.46 1.50 -6.43
N SER C 123 11.35 2.04 -5.63
CA SER C 123 12.76 2.12 -6.04
C SER C 123 13.36 0.74 -6.27
N ASN C 124 13.07 -0.20 -5.37
CA ASN C 124 13.61 -1.55 -5.53
C ASN C 124 13.10 -2.17 -6.81
N ARG C 125 11.92 -1.71 -7.20
CA ARG C 125 11.24 -2.20 -8.39
C ARG C 125 11.71 -1.51 -9.65
N PHE C 126 11.77 -0.18 -9.61
CA PHE C 126 12.14 0.63 -10.78
C PHE C 126 13.51 1.26 -10.92
N GLY C 127 14.15 1.66 -9.83
CA GLY C 127 15.51 2.17 -10.00
C GLY C 127 15.87 3.61 -9.86
N GLY C 128 15.16 4.34 -9.02
CA GLY C 128 15.49 5.73 -8.83
C GLY C 128 15.35 6.09 -7.37
N VAL C 129 14.53 7.08 -7.07
CA VAL C 129 14.26 7.46 -5.71
C VAL C 129 13.01 8.32 -5.61
N THR C 130 12.35 8.33 -4.46
CA THR C 130 11.12 9.11 -4.25
C THR C 130 11.42 10.26 -3.29
N PRO C 131 10.50 11.23 -3.15
CA PRO C 131 10.75 12.35 -2.24
C PRO C 131 11.30 11.86 -0.91
N VAL C 132 10.42 11.25 -0.11
CA VAL C 132 10.76 10.71 1.18
C VAL C 132 12.20 10.18 1.29
N GLU C 133 12.64 9.34 0.35
CA GLU C 133 14.00 8.79 0.42
C GLU C 133 15.05 9.85 0.13
N ILE C 134 14.60 10.95 -0.49
CA ILE C 134 15.51 12.04 -0.78
C ILE C 134 15.97 12.50 0.60
N MSE C 135 15.01 12.69 1.50
CA MSE C 135 15.28 13.10 2.86
C MSE C 135 16.30 12.20 3.58
O MSE C 135 17.38 12.64 3.94
CB MSE C 135 13.96 13.18 3.63
CG MSE C 135 13.07 14.24 3.07
SE MSE C 135 11.32 14.18 3.81
CE MSE C 135 11.73 14.90 5.55
N ALA C 136 16.00 10.93 3.80
CA ALA C 136 16.99 10.09 4.46
C ALA C 136 18.39 10.46 3.97
N GLU C 137 18.64 10.34 2.67
CA GLU C 137 19.94 10.65 2.08
C GLU C 137 20.49 12.04 2.40
N THR C 138 19.61 13.03 2.56
CA THR C 138 20.10 14.37 2.92
C THR C 138 20.68 14.16 4.30
N LEU C 139 19.81 13.93 5.28
CA LEU C 139 20.22 13.69 6.64
C LEU C 139 21.51 12.88 6.78
N ARG C 140 21.66 11.83 5.99
CA ARG C 140 22.86 11.00 6.06
C ARG C 140 24.17 11.72 5.79
N MSE C 141 24.13 12.86 5.12
CA MSE C 141 25.35 13.60 4.82
C MSE C 141 26.18 13.67 6.08
O MSE C 141 27.39 13.35 6.06
CB MSE C 141 25.02 15.02 4.34
CG MSE C 141 24.25 15.07 3.02
SE MSE C 141 23.85 16.83 2.27
CE MSE C 141 24.91 16.67 0.68
N VAL C 142 25.56 14.05 7.19
CA VAL C 142 26.27 14.12 8.46
C VAL C 142 26.69 12.73 8.91
N SER C 143 25.71 11.90 9.25
CA SER C 143 26.01 10.53 9.69
C SER C 143 24.81 9.62 9.45
N GLN C 144 25.10 8.41 8.98
CA GLN C 144 24.06 7.41 8.75
C GLN C 144 23.18 7.43 9.98
N GLY C 145 23.84 7.40 11.14
CA GLY C 145 23.14 7.43 12.41
C GLY C 145 22.33 8.69 12.58
N PHE C 146 22.69 9.75 11.87
CA PHE C 146 21.96 11.01 11.98
C PHE C 146 20.51 10.86 11.52
N LYS C 147 20.33 10.27 10.35
CA LYS C 147 18.99 10.12 9.79
C LYS C 147 18.07 9.20 10.60
N VAL C 148 18.53 8.00 10.93
CA VAL C 148 17.70 7.07 11.68
C VAL C 148 17.08 7.78 12.87
N CYS C 149 17.84 8.68 13.47
CA CYS C 149 17.40 9.45 14.62
C CYS C 149 16.12 10.17 14.30
N VAL C 150 15.94 10.53 13.04
CA VAL C 150 14.74 11.21 12.64
C VAL C 150 13.69 10.19 12.21
N GLU C 151 14.15 9.15 11.52
CA GLU C 151 13.30 8.07 11.02
C GLU C 151 12.51 7.50 12.19
N ILE C 152 13.18 6.68 12.98
CA ILE C 152 12.58 6.08 14.17
C ILE C 152 11.90 7.15 15.00
N ALA C 153 12.50 8.32 15.07
CA ALA C 153 11.89 9.42 15.82
C ALA C 153 10.45 9.56 15.35
N ILE C 154 10.26 9.80 14.05
CA ILE C 154 8.93 9.98 13.49
C ILE C 154 7.95 8.81 13.68
N MSE C 155 8.44 7.58 13.51
CA MSE C 155 7.58 6.41 13.64
C MSE C 155 7.00 6.41 15.04
O MSE C 155 5.78 6.41 15.22
CB MSE C 155 8.39 5.13 13.43
CG MSE C 155 9.58 5.31 12.55
SE MSE C 155 10.40 3.75 11.96
CE MSE C 155 12.12 4.35 11.43
N ALA C 156 7.90 6.47 16.00
CA ALA C 156 7.54 6.48 17.40
C ALA C 156 6.42 7.45 17.70
N ALA C 157 6.52 8.64 17.13
CA ALA C 157 5.50 9.65 17.36
C ALA C 157 4.19 9.20 16.75
N ASP C 158 4.27 8.61 15.55
CA ASP C 158 3.08 8.17 14.85
C ASP C 158 2.34 7.03 15.50
N ALA C 159 3.03 6.22 16.31
CA ALA C 159 2.41 5.09 16.97
C ALA C 159 1.66 5.46 18.24
N GLY C 160 1.44 6.75 18.42
CA GLY C 160 0.71 7.23 19.59
C GLY C 160 1.53 7.21 20.87
N LEU C 161 2.78 6.78 20.77
CA LEU C 161 3.65 6.69 21.92
C LEU C 161 4.20 8.06 22.37
N ILE C 162 5.34 8.45 21.78
CA ILE C 162 6.00 9.71 22.13
C ILE C 162 5.33 10.94 21.57
N PRO C 163 5.41 12.04 22.33
CA PRO C 163 4.88 13.38 22.08
C PRO C 163 5.45 14.10 20.86
N VAL C 164 4.68 15.08 20.40
CA VAL C 164 5.03 15.94 19.29
C VAL C 164 4.77 17.30 19.90
N ASP C 165 4.34 17.28 21.16
CA ASP C 165 4.08 18.53 21.85
C ASP C 165 5.00 18.79 23.04
N GLU C 166 6.15 18.13 23.06
CA GLU C 166 7.16 18.37 24.09
C GLU C 166 8.44 17.74 23.64
N GLU C 167 9.54 18.07 24.30
CA GLU C 167 10.80 17.52 23.84
C GLU C 167 10.92 16.03 24.09
N VAL C 168 11.72 15.41 23.24
CA VAL C 168 12.00 13.99 23.30
C VAL C 168 13.47 13.88 23.00
N ILE C 169 14.07 12.76 23.33
CA ILE C 169 15.48 12.58 23.06
C ILE C 169 15.55 11.47 22.03
N ALA C 170 16.32 11.69 20.98
CA ALA C 170 16.42 10.71 19.90
C ALA C 170 17.79 10.11 19.90
N ILE C 171 17.85 8.79 19.90
CA ILE C 171 19.14 8.10 19.90
C ILE C 171 19.16 7.07 18.78
N GLY C 172 20.29 6.94 18.12
CA GLY C 172 20.41 5.98 17.04
C GLY C 172 21.87 5.74 16.73
N GLY C 173 22.19 4.89 15.75
CA GLY C 173 23.59 4.66 15.47
C GLY C 173 23.85 4.10 14.09
N THR C 174 25.14 3.93 13.75
CA THR C 174 25.53 3.45 12.44
C THR C 174 25.94 1.98 12.45
N ALA C 175 25.44 1.24 11.45
CA ALA C 175 25.74 -0.17 11.23
C ALA C 175 25.29 -1.17 12.29
N TRP C 176 26.04 -1.21 13.39
CA TRP C 176 25.79 -2.13 14.48
C TRP C 176 26.02 -1.52 15.88
N GLY C 177 25.56 -0.29 16.10
CA GLY C 177 25.75 0.33 17.41
C GLY C 177 24.77 1.44 17.77
N ALA C 178 25.29 2.57 18.23
CA ALA C 178 24.40 3.67 18.59
C ALA C 178 25.26 4.91 18.77
N ASP C 179 25.84 5.39 17.67
CA ASP C 179 26.72 6.55 17.69
C ASP C 179 26.15 7.97 17.61
N THR C 180 24.91 8.14 17.16
CA THR C 180 24.34 9.48 17.11
C THR C 180 23.10 9.56 17.98
N ALA C 181 22.66 10.78 18.30
CA ALA C 181 21.48 10.96 19.13
C ALA C 181 21.23 12.45 19.23
N LEU C 182 19.98 12.90 19.21
CA LEU C 182 19.67 14.33 19.24
C LEU C 182 18.56 14.67 20.20
N VAL C 183 18.10 15.91 20.14
CA VAL C 183 17.00 16.39 20.97
C VAL C 183 16.17 17.18 20.00
N LEU C 184 14.91 16.78 19.87
CA LEU C 184 13.98 17.41 18.94
C LEU C 184 12.56 17.30 19.46
N THR C 185 11.66 18.07 18.87
CA THR C 185 10.24 17.97 19.22
C THR C 185 9.70 17.29 17.96
N PRO C 186 9.90 15.96 17.82
CA PRO C 186 9.43 15.23 16.64
C PRO C 186 8.05 15.64 16.16
N ALA C 187 7.62 15.03 15.06
CA ALA C 187 6.32 15.34 14.51
C ALA C 187 5.73 14.13 13.76
N HIS C 188 4.47 14.26 13.34
CA HIS C 188 3.76 13.22 12.60
C HIS C 188 4.12 13.26 11.10
N MSE C 189 3.47 12.43 10.30
CA MSE C 189 3.73 12.37 8.87
C MSE C 189 2.83 13.29 8.08
O MSE C 189 3.22 13.75 7.01
CB MSE C 189 3.54 10.94 8.35
CG MSE C 189 2.25 10.31 8.85
SE MSE C 189 1.48 8.96 7.73
CE MSE C 189 -0.14 9.91 7.27
N ASN C 190 1.64 13.55 8.55
CA ASN C 190 0.71 14.42 7.82
C ASN C 190 1.06 15.89 8.00
N SER C 191 1.95 16.16 8.94
CA SER C 191 2.42 17.49 9.24
C SER C 191 3.89 17.39 9.59
N VAL C 192 4.56 16.43 8.96
CA VAL C 192 5.98 16.14 9.16
C VAL C 192 6.92 17.33 9.37
N PHE C 193 7.10 18.15 8.33
CA PHE C 193 8.02 19.29 8.39
C PHE C 193 7.88 20.23 9.57
N ASP C 194 6.90 19.96 10.44
CA ASP C 194 6.70 20.75 11.64
C ASP C 194 7.65 20.19 12.69
N LEU C 195 8.58 19.33 12.27
CA LEU C 195 9.56 18.73 13.17
C LEU C 195 10.64 19.74 13.46
N ARG C 196 10.95 19.92 14.74
CA ARG C 196 11.96 20.87 15.13
C ARG C 196 13.10 20.26 15.93
N ILE C 197 14.22 19.95 15.29
CA ILE C 197 15.34 19.41 16.05
C ILE C 197 16.00 20.55 16.88
N HIS C 198 16.21 20.30 18.17
CA HIS C 198 16.75 21.28 19.14
C HIS C 198 18.20 21.20 19.65
N GLU C 199 18.78 20.01 19.73
CA GLU C 199 20.14 19.91 20.22
C GLU C 199 20.84 18.66 19.73
N VAL C 200 22.16 18.75 19.60
CA VAL C 200 22.96 17.60 19.21
C VAL C 200 23.71 17.19 20.46
N ILE C 201 23.93 15.89 20.64
CA ILE C 201 24.64 15.42 21.81
C ILE C 201 25.97 14.78 21.41
N ALA C 202 25.94 13.92 20.40
CA ALA C 202 27.15 13.25 19.96
C ALA C 202 26.95 12.79 18.52
N MSE C 203 28.03 12.50 17.81
CA MSE C 203 27.91 12.06 16.42
C MSE C 203 29.24 11.72 15.76
O MSE C 203 30.28 12.28 16.11
CB MSE C 203 27.25 13.17 15.59
CG MSE C 203 28.13 14.43 15.55
SE MSE C 203 27.84 15.75 14.13
CE MSE C 203 26.49 16.91 15.00
N PRO C 204 29.23 10.79 14.79
CA PRO C 204 30.49 10.44 14.11
C PRO C 204 30.93 11.66 13.32
N ARG C 205 32.19 12.05 13.45
CA ARG C 205 32.62 13.22 12.73
C ARG C 205 32.41 13.05 11.23
N PRO C 206 33.02 12.01 10.62
CA PRO C 206 32.82 11.86 9.17
C PRO C 206 31.33 11.91 8.80
MG MG D . -4.87 -12.01 -8.96
N1 FMN E . -0.94 -7.60 -21.87
C2 FMN E . -0.27 -7.74 -20.65
O2 FMN E . -0.15 -8.84 -20.14
N3 FMN E . 0.14 -6.69 -19.89
C4 FMN E . 0.08 -5.42 -20.40
O4 FMN E . 0.34 -4.46 -19.66
C4A FMN E . -0.63 -5.23 -21.61
N5 FMN E . -0.76 -3.97 -22.13
C5A FMN E . -1.67 -3.78 -23.14
C6 FMN E . -1.81 -2.49 -23.64
C7 FMN E . -2.60 -2.25 -24.73
C7M FMN E . -2.62 -0.84 -25.23
C8 FMN E . -2.88 -3.30 -25.59
C8M FMN E . -3.64 -3.06 -26.88
C9 FMN E . -2.71 -4.60 -25.13
C9A FMN E . -2.20 -4.86 -23.85
N10 FMN E . -1.83 -6.16 -23.49
C10 FMN E . -1.19 -6.33 -22.28
C1' FMN E . -2.32 -7.39 -24.22
C2' FMN E . -3.78 -7.60 -23.90
O2' FMN E . -3.93 -7.61 -22.48
C3' FMN E . -4.25 -8.93 -24.43
O3' FMN E . -3.46 -9.98 -23.93
C4' FMN E . -4.65 -9.10 -25.90
O4' FMN E . -5.28 -10.37 -25.94
C5' FMN E . -3.69 -9.31 -27.06
O5' FMN E . -4.56 -9.65 -28.11
P FMN E . -4.52 -10.91 -29.11
O1P FMN E . -5.45 -10.59 -30.22
O2P FMN E . -4.95 -12.23 -28.44
O3P FMN E . -3.07 -11.00 -29.62
MG MG F . -18.26 2.34 12.83
MG MG G . -16.86 0.72 -7.05
N1 FMN H . -11.50 5.23 5.10
C2 FMN H . -11.68 5.82 3.88
O2 FMN H . -12.75 6.06 3.30
N3 FMN H . -10.48 6.24 3.15
C4 FMN H . -9.17 5.86 3.57
O4 FMN H . -8.28 5.98 2.72
C4A FMN H . -9.06 5.35 4.85
N5 FMN H . -7.88 5.13 5.32
C5A FMN H . -7.70 4.35 6.49
C6 FMN H . -6.44 3.82 6.87
C7 FMN H . -6.27 3.27 8.21
C7M FMN H . -4.79 2.98 8.43
C8 FMN H . -7.43 3.10 9.07
C8M FMN H . -7.28 2.33 10.32
C9 FMN H . -8.65 3.68 8.72
C9A FMN H . -8.89 4.11 7.31
N10 FMN H . -10.19 4.28 6.85
C10 FMN H . -10.29 4.95 5.65
C1' FMN H . -11.41 3.78 7.43
C2' FMN H . -11.54 2.28 7.41
O2' FMN H . -11.83 1.89 6.11
C3' FMN H . -12.68 1.89 8.35
O3' FMN H . -13.93 2.53 7.92
C4' FMN H . -12.60 2.24 9.86
O4' FMN H . -11.26 2.22 10.33
C5' FMN H . -13.44 1.33 10.78
O5' FMN H . -13.38 1.92 12.10
P FMN H . -14.68 1.79 12.96
O1P FMN H . -14.35 2.64 14.20
O2P FMN H . -15.83 2.37 12.22
O3P FMN H . -14.86 0.33 13.34
MG MG I . 29.21 14.39 11.47
N1 FMN J . 21.83 2.05 10.33
C2 FMN J . 22.43 2.66 9.29
O2 FMN J . 23.62 2.60 8.95
N3 FMN J . 21.61 3.50 8.41
C4 FMN J . 20.19 3.34 8.37
O4 FMN J . 19.64 3.80 7.38
C4A FMN J . 19.61 2.69 9.44
N5 FMN J . 18.34 2.67 9.53
C5A FMN J . 17.71 2.10 10.65
C6 FMN J . 16.32 2.23 10.91
C7 FMN J . 15.69 1.44 11.95
C7M FMN J . 14.19 1.66 11.90
C8 FMN J . 16.49 0.64 12.83
C8M FMN J . 15.85 0.00 13.98
C9 FMN J . 17.84 0.50 12.60
C9A FMN J . 18.55 1.32 11.59
N10 FMN J . 19.95 1.33 11.57
C10 FMN J . 20.49 2.00 10.49
C1' FMN J . 20.92 0.69 12.50
C2' FMN J . 20.71 0.89 14.01
O2' FMN J . 20.39 2.23 14.28
C3' FMN J . 21.98 0.49 14.74
O3' FMN J . 22.94 -0.18 13.87
C4' FMN J . 21.87 -0.47 15.96
O4' FMN J . 23.11 -0.58 16.58
C5' FMN J . 21.37 -1.92 15.73
O5' FMN J . 20.92 -2.34 17.05
P FMN J . 21.79 -3.41 17.85
O1P FMN J . 21.10 -3.44 19.23
O2P FMN J . 21.66 -4.72 17.15
O3P FMN J . 23.24 -2.93 17.98
#